data_5YSK
#
_entry.id   5YSK
#
_cell.length_a   43.750
_cell.length_b   85.360
_cell.length_c   70.795
_cell.angle_alpha   90.00
_cell.angle_beta   97.11
_cell.angle_gamma   90.00
#
_symmetry.space_group_name_H-M   'P 1 21 1'
#
loop_
_entity.id
_entity.type
_entity.pdbx_description
1 polymer 'Ubiquitinating/deubiquitinating enzyme SdeA'
2 water water
#
_entity_poly.entity_id   1
_entity_poly.type   'polypeptide(L)'
_entity_poly.pdbx_seq_one_letter_code
;GSSQAKPPTRLFRGLNLSEEFTKGLIDQANA(MSE)IANTTERLFTDHSPEAFKQIKLNDLSK(MSE)SGRTNASTTTEI
KLVKETWDSNVIFE(MSE)LDPDGLLHSKQVGRHGEGTASAFSVYLPEDVALVPVKVTLDGKTQKGENRYVFTFVAVKSP
DFTP
;
_entity_poly.pdbx_strand_id   A,B,C,D
#
# COMPACT_ATOMS: atom_id res chain seq x y z
N PRO A 7 22.16 -3.87 27.48
CA PRO A 7 22.04 -4.49 26.14
C PRO A 7 21.02 -3.82 25.23
N PRO A 8 21.10 -4.14 23.95
CA PRO A 8 20.19 -3.50 22.99
C PRO A 8 18.77 -4.04 23.15
N THR A 9 17.78 -3.15 23.05
CA THR A 9 16.42 -3.61 23.27
C THR A 9 15.65 -3.87 21.97
N ARG A 10 16.22 -3.50 20.80
CA ARG A 10 15.65 -3.83 19.49
C ARG A 10 16.69 -4.59 18.65
N LEU A 11 16.32 -5.78 18.18
CA LEU A 11 17.19 -6.60 17.35
C LEU A 11 16.42 -7.17 16.17
N PHE A 12 17.10 -7.28 15.04
CA PHE A 12 16.51 -7.74 13.81
C PHE A 12 17.21 -9.02 13.34
N ARG A 13 16.45 -9.87 12.67
CA ARG A 13 17.03 -10.97 11.91
C ARG A 13 16.05 -11.37 10.81
N GLY A 14 16.60 -11.75 9.67
CA GLY A 14 15.83 -11.96 8.46
C GLY A 14 15.80 -13.42 8.07
N LEU A 15 14.73 -13.81 7.41
CA LEU A 15 14.62 -15.12 6.78
C LEU A 15 14.05 -14.92 5.39
N ASN A 16 14.64 -15.59 4.41
CA ASN A 16 14.02 -15.64 3.09
C ASN A 16 13.00 -16.76 3.07
N LEU A 17 11.75 -16.40 2.80
CA LEU A 17 10.61 -17.30 2.90
C LEU A 17 9.82 -17.25 1.60
N SER A 18 9.16 -18.36 1.30
CA SER A 18 8.50 -18.47 0.01
C SER A 18 7.22 -17.66 0.02
N GLU A 19 6.80 -17.25 -1.18
CA GLU A 19 5.55 -16.52 -1.36
C GLU A 19 4.40 -17.22 -0.66
N GLU A 20 4.16 -18.49 -0.99
CA GLU A 20 3.09 -19.25 -0.34
C GLU A 20 3.21 -19.18 1.19
N PHE A 21 4.39 -19.54 1.73
CA PHE A 21 4.58 -19.60 3.17
C PHE A 21 4.42 -18.23 3.83
N THR A 22 4.99 -17.17 3.22
CA THR A 22 4.85 -15.83 3.79
C THR A 22 3.38 -15.46 3.93
N LYS A 23 2.61 -15.66 2.88
CA LYS A 23 1.18 -15.34 2.91
C LYS A 23 0.52 -16.02 4.09
N GLY A 24 0.85 -17.30 4.32
CA GLY A 24 0.32 -17.99 5.48
C GLY A 24 0.88 -17.51 6.82
N LEU A 25 2.16 -17.08 6.84
CA LEU A 25 2.73 -16.57 8.08
C LEU A 25 2.09 -15.23 8.49
N ILE A 26 1.79 -14.37 7.51
CA ILE A 26 1.13 -13.11 7.83
C ILE A 26 -0.26 -13.35 8.41
N ASP A 27 -1.00 -14.32 7.86
CA ASP A 27 -2.33 -14.58 8.42
C ASP A 27 -2.24 -15.17 9.82
N GLN A 28 -1.26 -16.07 10.06
CA GLN A 28 -1.11 -16.62 11.40
C GLN A 28 -0.79 -15.51 12.39
N ALA A 29 0.22 -14.69 12.08
CA ALA A 29 0.57 -13.54 12.90
C ALA A 29 -0.66 -12.70 13.20
N ASN A 30 -1.44 -12.36 12.16
CA ASN A 30 -2.57 -11.47 12.39
C ASN A 30 -3.64 -12.14 13.24
N ALA A 31 -3.83 -13.45 13.07
CA ALA A 31 -4.80 -14.14 13.90
C ALA A 31 -4.35 -14.19 15.34
N MSE A 32 -3.06 -14.25 15.58
CA MSE A 32 -2.58 -14.21 16.95
C MSE A 32 -2.67 -12.82 17.53
O MSE A 32 -2.99 -12.63 18.69
CB MSE A 32 -1.15 -14.69 17.06
CG MSE A 32 -1.08 -16.16 16.97
SE MSE A 32 0.69 -16.79 16.62
CE MSE A 32 1.52 -16.43 18.36
N ILE A 33 -2.34 -11.81 16.73
CA ILE A 33 -2.33 -10.47 17.29
C ILE A 33 -3.71 -10.14 17.78
N ALA A 34 -4.72 -10.65 17.09
CA ALA A 34 -6.09 -10.29 17.36
C ALA A 34 -6.78 -11.21 18.36
N ASN A 35 -6.21 -12.37 18.65
CA ASN A 35 -7.01 -13.43 19.22
C ASN A 35 -6.29 -14.23 20.28
N THR A 36 -5.00 -14.04 20.39
CA THR A 36 -4.10 -14.75 21.32
C THR A 36 -3.27 -13.78 22.13
N THR A 37 -2.87 -12.65 21.56
CA THR A 37 -2.04 -11.73 22.32
C THR A 37 -2.88 -10.83 23.20
N GLU A 38 -4.14 -10.53 22.83
CA GLU A 38 -5.00 -9.84 23.80
C GLU A 38 -5.16 -10.67 25.07
N ARG A 39 -5.37 -11.98 24.93
CA ARG A 39 -5.53 -12.82 26.11
C ARG A 39 -4.24 -12.88 26.91
N LEU A 40 -3.10 -12.83 26.24
CA LEU A 40 -1.87 -12.69 27.00
C LEU A 40 -1.80 -11.30 27.64
N PHE A 41 -2.09 -10.25 26.87
CA PHE A 41 -1.81 -8.90 27.35
C PHE A 41 -2.85 -8.39 28.35
N THR A 42 -4.13 -8.76 28.22
CA THR A 42 -5.11 -8.33 29.21
C THR A 42 -5.24 -9.31 30.38
N ASP A 43 -5.60 -10.58 30.10
CA ASP A 43 -5.84 -11.59 31.13
C ASP A 43 -4.57 -12.15 31.76
N HIS A 44 -3.43 -12.09 31.09
CA HIS A 44 -2.24 -12.75 31.58
C HIS A 44 -2.41 -14.28 31.59
N SER A 45 -3.22 -14.77 30.61
CA SER A 45 -3.53 -16.18 30.34
C SER A 45 -2.25 -17.00 30.15
N PRO A 46 -1.92 -17.92 31.09
CA PRO A 46 -0.82 -18.88 30.87
C PRO A 46 -0.98 -19.73 29.61
N GLU A 47 -2.23 -19.89 29.17
CA GLU A 47 -2.51 -20.66 27.96
C GLU A 47 -2.11 -19.88 26.72
N ALA A 48 -2.55 -18.62 26.64
CA ALA A 48 -2.08 -17.69 25.62
C ALA A 48 -0.58 -17.81 25.40
N PHE A 49 0.18 -17.60 26.48
CA PHE A 49 1.64 -17.74 26.43
C PHE A 49 2.05 -19.04 25.74
N LYS A 50 1.59 -20.18 26.26
CA LYS A 50 1.97 -21.46 25.69
C LYS A 50 1.67 -21.50 24.19
N GLN A 51 0.44 -21.12 23.83
CA GLN A 51 0.06 -21.12 22.42
C GLN A 51 1.05 -20.30 21.60
N ILE A 52 1.49 -19.16 22.15
CA ILE A 52 2.43 -18.32 21.43
C ILE A 52 3.76 -19.03 21.23
N LYS A 53 4.32 -19.60 22.31
CA LYS A 53 5.56 -20.39 22.22
C LYS A 53 5.42 -21.52 21.21
N LEU A 54 4.25 -22.18 21.19
CA LEU A 54 4.05 -23.34 20.32
C LEU A 54 4.04 -22.97 18.85
N ASN A 55 3.58 -21.77 18.51
CA ASN A 55 3.55 -21.39 17.11
C ASN A 55 4.93 -21.07 16.59
N ASP A 56 5.77 -20.47 17.43
CA ASP A 56 7.13 -20.10 17.06
C ASP A 56 7.16 -19.49 15.67
N LEU A 57 6.50 -18.32 15.55
CA LEU A 57 6.31 -17.69 14.24
C LEU A 57 7.64 -17.40 13.58
N SER A 58 8.61 -16.94 14.35
CA SER A 58 9.90 -16.53 13.84
C SER A 58 10.94 -17.66 13.85
N LYS A 59 10.57 -18.89 14.21
CA LYS A 59 11.51 -20.02 14.21
C LYS A 59 12.70 -19.74 15.14
N MSE A 60 12.38 -19.51 16.41
CA MSE A 60 13.34 -19.04 17.41
C MSE A 60 13.41 -19.95 18.61
O MSE A 60 14.32 -19.86 19.44
CB MSE A 60 12.97 -17.63 17.90
CG MSE A 60 13.68 -16.49 17.20
SE MSE A 60 15.61 -16.44 17.54
CE MSE A 60 15.69 -16.59 19.51
N SER A 61 12.43 -20.83 18.73
CA SER A 61 12.24 -21.51 19.99
C SER A 61 13.41 -22.45 20.29
N GLY A 62 13.85 -22.42 21.55
CA GLY A 62 14.94 -23.23 22.00
C GLY A 62 16.31 -22.75 21.60
N ARG A 63 16.43 -21.67 20.84
CA ARG A 63 17.71 -21.29 20.27
C ARG A 63 18.55 -20.51 21.27
N THR A 64 19.89 -20.72 21.20
CA THR A 64 20.84 -20.28 22.21
C THR A 64 21.89 -19.31 21.68
N ASN A 65 22.24 -19.35 20.40
CA ASN A 65 23.09 -18.33 19.79
C ASN A 65 22.55 -18.08 18.38
N ALA A 66 21.33 -17.56 18.31
CA ALA A 66 20.82 -17.09 17.03
C ALA A 66 21.35 -15.70 16.76
N SER A 67 21.67 -15.45 15.50
CA SER A 67 22.31 -14.21 15.06
C SER A 67 21.29 -13.12 14.76
N THR A 68 21.59 -11.93 15.26
CA THR A 68 20.76 -10.72 15.14
C THR A 68 21.64 -9.49 14.92
N THR A 69 21.02 -8.39 14.54
CA THR A 69 21.75 -7.14 14.45
C THR A 69 20.85 -6.02 14.93
N THR A 70 21.47 -4.95 15.43
CA THR A 70 20.73 -3.73 15.72
C THR A 70 20.28 -3.02 14.46
N GLU A 71 20.93 -3.28 13.32
CA GLU A 71 20.72 -2.50 12.10
C GLU A 71 19.90 -3.33 11.10
N ILE A 72 18.67 -2.92 10.86
CA ILE A 72 17.83 -3.67 9.94
C ILE A 72 18.45 -3.62 8.56
N LYS A 73 19.15 -2.53 8.24
CA LYS A 73 19.77 -2.38 6.92
C LYS A 73 20.79 -3.48 6.65
N LEU A 74 21.57 -3.84 7.65
CA LEU A 74 22.53 -4.93 7.53
C LEU A 74 21.85 -6.22 7.10
N VAL A 75 20.66 -6.49 7.64
CA VAL A 75 19.90 -7.65 7.20
C VAL A 75 19.49 -7.48 5.74
N LYS A 76 19.03 -6.28 5.38
CA LYS A 76 18.56 -6.02 4.02
C LYS A 76 19.69 -6.18 3.03
N GLU A 77 20.85 -5.58 3.31
CA GLU A 77 21.96 -5.57 2.36
C GLU A 77 22.69 -6.90 2.29
N THR A 78 22.59 -7.72 3.32
CA THR A 78 23.38 -8.94 3.35
C THR A 78 22.57 -10.14 2.83
N TRP A 79 21.33 -10.28 3.27
CA TRP A 79 20.50 -11.40 2.86
C TRP A 79 19.27 -10.98 2.08
N ASP A 80 18.98 -9.69 2.00
CA ASP A 80 17.79 -9.15 1.33
C ASP A 80 16.56 -9.97 1.69
N SER A 81 16.43 -10.26 2.99
CA SER A 81 15.30 -11.05 3.46
C SER A 81 13.96 -10.42 3.04
N ASN A 82 12.99 -11.26 2.61
CA ASN A 82 11.62 -10.77 2.44
C ASN A 82 10.82 -10.75 3.74
N VAL A 83 11.24 -11.48 4.76
CA VAL A 83 10.61 -11.42 6.07
C VAL A 83 11.67 -11.00 7.09
N ILE A 84 11.36 -10.00 7.88
CA ILE A 84 12.29 -9.56 8.91
C ILE A 84 11.58 -9.60 10.25
N PHE A 85 12.27 -10.18 11.22
CA PHE A 85 11.76 -10.33 12.56
C PHE A 85 12.39 -9.27 13.45
N GLU A 86 11.55 -8.43 14.04
CA GLU A 86 11.96 -7.32 14.88
C GLU A 86 11.60 -7.64 16.32
N MSE A 87 12.60 -7.74 17.18
CA MSE A 87 12.37 -8.10 18.55
C MSE A 87 12.62 -6.96 19.52
O MSE A 87 13.68 -6.36 19.54
CB MSE A 87 13.23 -9.30 18.88
CG MSE A 87 12.81 -10.49 18.03
SE MSE A 87 14.02 -11.98 18.25
CE MSE A 87 15.70 -11.28 17.40
N LEU A 88 11.61 -6.69 20.33
CA LEU A 88 11.64 -5.61 21.31
C LEU A 88 11.82 -6.21 22.68
N ASP A 89 12.99 -5.96 23.27
CA ASP A 89 13.45 -6.68 24.45
C ASP A 89 13.85 -5.67 25.52
N PRO A 90 12.91 -4.85 25.98
CA PRO A 90 13.23 -3.87 27.05
C PRO A 90 13.60 -4.50 28.39
N ASP A 91 13.27 -5.78 28.63
CA ASP A 91 13.72 -6.46 29.84
C ASP A 91 15.01 -7.23 29.63
N GLY A 92 15.53 -7.29 28.43
CA GLY A 92 16.77 -8.01 28.24
C GLY A 92 16.64 -9.46 28.65
N LEU A 93 15.52 -10.07 28.25
CA LEU A 93 15.28 -11.50 28.46
C LEU A 93 15.94 -12.35 27.39
N LEU A 94 16.29 -11.72 26.28
CA LEU A 94 17.24 -12.29 25.36
C LEU A 94 18.60 -12.00 25.96
N HIS A 95 19.44 -13.02 26.02
CA HIS A 95 20.69 -12.91 26.79
C HIS A 95 21.78 -12.35 25.86
N SER A 96 21.49 -11.17 25.33
CA SER A 96 22.20 -10.61 24.19
C SER A 96 23.69 -10.42 24.43
N LYS A 97 24.50 -10.89 23.47
CA LYS A 97 25.96 -10.77 23.53
C LYS A 97 26.51 -10.31 22.18
N GLN A 98 27.27 -9.23 22.21
CA GLN A 98 27.95 -8.74 21.02
C GLN A 98 28.89 -9.81 20.44
N VAL A 99 28.90 -9.91 19.11
CA VAL A 99 29.76 -10.84 18.36
C VAL A 99 30.34 -10.02 17.19
N GLY A 100 31.48 -9.39 17.41
CA GLY A 100 32.14 -8.68 16.31
C GLY A 100 32.33 -7.19 16.45
N THR A 106 30.41 -4.83 11.37
CA THR A 106 29.95 -5.95 12.18
C THR A 106 29.81 -5.64 13.72
N ALA A 107 30.04 -4.40 14.15
CA ALA A 107 29.96 -4.09 15.59
C ALA A 107 28.52 -4.11 16.10
N SER A 108 27.54 -4.28 15.21
CA SER A 108 26.13 -4.33 15.59
C SER A 108 25.59 -5.75 15.69
N ALA A 109 26.44 -6.77 15.58
CA ALA A 109 26.01 -8.16 15.59
C ALA A 109 25.89 -8.64 17.03
N PHE A 110 24.75 -9.21 17.37
CA PHE A 110 24.49 -9.78 18.69
C PHE A 110 24.04 -11.22 18.56
N SER A 111 24.28 -11.96 19.63
CA SER A 111 24.00 -13.39 19.73
C SER A 111 23.00 -13.56 20.85
N VAL A 112 21.99 -14.40 20.62
CA VAL A 112 20.73 -14.29 21.34
C VAL A 112 20.23 -15.68 21.74
N TYR A 113 19.66 -15.76 22.93
CA TYR A 113 19.12 -16.98 23.50
C TYR A 113 17.68 -16.73 23.96
N LEU A 114 16.75 -17.58 23.54
CA LEU A 114 15.34 -17.43 23.89
C LEU A 114 14.94 -18.52 24.89
N PRO A 115 14.83 -18.20 26.17
CA PRO A 115 14.48 -19.23 27.15
C PRO A 115 13.06 -19.73 26.97
N GLU A 116 12.84 -20.93 27.51
CA GLU A 116 11.52 -21.58 27.48
C GLU A 116 10.44 -20.77 28.20
N ASP A 117 10.80 -19.88 29.13
CA ASP A 117 9.82 -19.03 29.81
C ASP A 117 9.84 -17.61 29.28
N VAL A 118 10.27 -17.43 28.04
CA VAL A 118 10.21 -16.14 27.35
C VAL A 118 9.53 -16.40 26.02
N ALA A 119 8.40 -15.74 25.80
CA ALA A 119 7.69 -15.78 24.53
C ALA A 119 8.01 -14.53 23.71
N LEU A 120 8.12 -14.71 22.41
CA LEU A 120 8.15 -13.59 21.47
C LEU A 120 6.70 -13.34 21.07
N VAL A 121 6.10 -12.31 21.66
CA VAL A 121 4.68 -12.05 21.48
C VAL A 121 4.54 -11.17 20.23
N PRO A 122 3.87 -11.65 19.19
CA PRO A 122 3.74 -10.85 17.98
C PRO A 122 2.75 -9.73 18.25
N VAL A 123 3.09 -8.51 17.83
CA VAL A 123 2.20 -7.37 18.02
C VAL A 123 1.83 -6.70 16.71
N LYS A 124 2.60 -6.87 15.65
CA LYS A 124 2.29 -6.18 14.42
C LYS A 124 2.98 -6.87 13.25
N VAL A 125 2.40 -6.72 12.07
CA VAL A 125 2.96 -7.14 10.80
C VAL A 125 2.83 -5.96 9.87
N THR A 126 3.92 -5.56 9.26
CA THR A 126 3.98 -4.27 8.58
C THR A 126 4.75 -4.39 7.27
N LEU A 127 4.16 -3.87 6.21
CA LEU A 127 4.83 -3.82 4.92
C LEU A 127 5.98 -2.83 4.97
N ASP A 128 7.08 -3.15 4.30
CA ASP A 128 8.27 -2.30 4.40
C ASP A 128 9.06 -2.32 3.10
N GLY A 129 8.41 -1.86 2.03
CA GLY A 129 9.09 -1.76 0.76
C GLY A 129 9.17 -3.10 0.04
N LYS A 130 10.25 -3.26 -0.73
CA LYS A 130 10.40 -4.40 -1.59
C LYS A 130 11.85 -4.84 -1.58
N THR A 131 12.06 -6.15 -1.74
CA THR A 131 13.42 -6.69 -1.85
C THR A 131 14.00 -6.35 -3.22
N GLN A 132 15.31 -6.52 -3.37
CA GLN A 132 15.92 -6.31 -4.68
C GLN A 132 15.33 -7.22 -5.78
N LYS A 133 14.72 -8.36 -5.41
CA LYS A 133 14.03 -9.18 -6.39
C LYS A 133 12.61 -8.69 -6.66
N GLY A 134 12.16 -7.64 -5.98
CA GLY A 134 10.80 -7.16 -6.14
C GLY A 134 9.75 -7.90 -5.35
N GLU A 135 10.12 -8.63 -4.30
CA GLU A 135 9.17 -9.18 -3.34
C GLU A 135 8.75 -8.11 -2.35
N ASN A 136 7.52 -8.19 -1.90
CA ASN A 136 7.16 -7.44 -0.72
C ASN A 136 8.06 -7.88 0.42
N ARG A 137 8.54 -6.92 1.18
CA ARG A 137 9.23 -7.20 2.43
C ARG A 137 8.28 -6.85 3.58
N TYR A 138 8.17 -7.76 4.53
CA TYR A 138 7.31 -7.59 5.68
C TYR A 138 8.15 -7.62 6.95
N VAL A 139 7.79 -6.78 7.90
CA VAL A 139 8.40 -6.81 9.22
C VAL A 139 7.36 -7.24 10.22
N PHE A 140 7.70 -8.30 10.92
CA PHE A 140 6.95 -8.86 12.02
C PHE A 140 7.57 -8.37 13.32
N THR A 141 6.83 -7.59 14.08
CA THR A 141 7.31 -7.05 15.35
C THR A 141 6.84 -7.86 16.55
N PHE A 142 7.77 -8.16 17.46
CA PHE A 142 7.49 -8.94 18.66
C PHE A 142 7.97 -8.19 19.88
N VAL A 143 7.29 -8.39 21.00
CA VAL A 143 7.78 -7.96 22.30
C VAL A 143 8.09 -9.21 23.11
N ALA A 144 9.25 -9.25 23.76
CA ALA A 144 9.67 -10.43 24.52
C ALA A 144 9.10 -10.31 25.93
N VAL A 145 8.34 -11.32 26.34
CA VAL A 145 7.62 -11.30 27.61
C VAL A 145 7.99 -12.52 28.42
N LYS A 146 7.92 -12.39 29.73
CA LYS A 146 8.06 -13.54 30.61
C LYS A 146 6.71 -14.25 30.80
N SER A 147 6.80 -15.56 31.04
CA SER A 147 5.65 -16.37 31.36
C SER A 147 4.81 -15.71 32.45
N PRO A 148 3.49 -15.58 32.28
CA PRO A 148 2.69 -15.02 33.39
C PRO A 148 3.02 -15.60 34.78
N PRO B 7 10.53 1.07 -8.36
CA PRO B 7 10.39 0.49 -9.70
C PRO B 7 9.49 1.26 -10.67
N PRO B 8 9.72 1.05 -11.95
CA PRO B 8 8.90 1.70 -12.97
C PRO B 8 7.46 1.27 -12.83
N THR B 9 6.52 2.18 -13.10
CA THR B 9 5.11 1.83 -12.96
C THR B 9 4.43 1.64 -14.30
N ARG B 10 5.11 1.98 -15.39
CA ARG B 10 4.66 1.74 -16.76
C ARG B 10 5.71 0.92 -17.49
N LEU B 11 5.29 -0.17 -18.15
CA LEU B 11 6.19 -1.04 -18.91
C LEU B 11 5.50 -1.58 -20.14
N PHE B 12 6.26 -1.69 -21.23
CA PHE B 12 5.72 -2.15 -22.49
C PHE B 12 6.32 -3.50 -22.89
N ARG B 13 5.56 -4.24 -23.70
CA ARG B 13 6.05 -5.48 -24.31
C ARG B 13 5.28 -5.74 -25.60
N GLY B 14 5.98 -6.08 -26.67
CA GLY B 14 5.35 -6.28 -27.96
C GLY B 14 5.28 -7.74 -28.44
N LEU B 15 4.30 -8.01 -29.29
CA LEU B 15 4.17 -9.27 -30.02
C LEU B 15 3.74 -9.01 -31.44
N ASN B 16 4.38 -9.68 -32.37
CA ASN B 16 3.88 -9.69 -33.74
C ASN B 16 2.82 -10.78 -33.88
N LEU B 17 1.59 -10.36 -34.19
CA LEU B 17 0.47 -11.26 -34.28
C LEU B 17 -0.19 -11.18 -35.65
N SER B 18 -0.83 -12.24 -36.05
CA SER B 18 -1.42 -12.25 -37.37
C SER B 18 -2.73 -11.48 -37.34
N GLU B 19 -3.14 -11.04 -38.52
CA GLU B 19 -4.29 -10.16 -38.61
C GLU B 19 -5.53 -10.87 -38.13
N GLU B 20 -5.70 -12.12 -38.51
CA GLU B 20 -6.83 -12.87 -37.99
C GLU B 20 -6.78 -12.91 -36.47
N PHE B 21 -5.60 -13.21 -35.91
CA PHE B 21 -5.52 -13.39 -34.47
C PHE B 21 -5.70 -12.05 -33.77
N THR B 22 -5.03 -11.00 -34.27
CA THR B 22 -5.20 -9.68 -33.66
C THR B 22 -6.68 -9.28 -33.63
N LYS B 23 -7.40 -9.54 -34.72
CA LYS B 23 -8.79 -9.13 -34.81
C LYS B 23 -9.64 -9.83 -33.75
N GLY B 24 -9.42 -11.12 -33.53
CA GLY B 24 -10.10 -11.77 -32.41
C GLY B 24 -9.61 -11.30 -31.04
N LEU B 25 -8.31 -11.02 -30.91
CA LEU B 25 -7.76 -10.50 -29.65
C LEU B 25 -8.44 -9.20 -29.24
N ILE B 26 -8.69 -8.29 -30.20
CA ILE B 26 -9.37 -7.03 -29.89
C ILE B 26 -10.78 -7.26 -29.40
N ASP B 27 -11.55 -8.15 -30.06
CA ASP B 27 -12.90 -8.48 -29.60
C ASP B 27 -12.86 -9.11 -28.21
N GLN B 28 -11.86 -9.94 -27.93
CA GLN B 28 -11.82 -10.56 -26.61
C GLN B 28 -11.53 -9.51 -25.54
N ALA B 29 -10.49 -8.69 -25.79
CA ALA B 29 -10.15 -7.57 -24.95
C ALA B 29 -11.33 -6.65 -24.69
N ASN B 30 -12.03 -6.23 -25.75
CA ASN B 30 -13.16 -5.32 -25.54
C ASN B 30 -14.30 -5.99 -24.76
N ALA B 31 -14.53 -7.29 -24.93
CA ALA B 31 -15.63 -7.91 -24.21
C ALA B 31 -15.30 -8.10 -22.75
N MSE B 32 -14.03 -8.26 -22.44
CA MSE B 32 -13.60 -8.26 -21.06
C MSE B 32 -13.72 -6.89 -20.43
O MSE B 32 -14.26 -6.77 -19.34
CB MSE B 32 -12.19 -8.75 -20.96
CG MSE B 32 -12.18 -10.19 -21.30
SE MSE B 32 -10.41 -10.88 -21.26
CE MSE B 32 -10.07 -10.74 -19.36
N ILE B 33 -13.22 -5.88 -21.13
CA ILE B 33 -13.25 -4.52 -20.57
C ILE B 33 -14.65 -4.20 -20.12
N ALA B 34 -15.63 -4.69 -20.86
CA ALA B 34 -17.02 -4.36 -20.58
C ALA B 34 -17.66 -5.27 -19.52
N ASN B 35 -17.21 -6.52 -19.39
CA ASN B 35 -17.85 -7.45 -18.46
C ASN B 35 -16.90 -7.84 -17.31
N THR B 36 -15.86 -8.57 -17.61
CA THR B 36 -15.02 -9.16 -16.58
C THR B 36 -14.31 -8.10 -15.73
N THR B 37 -13.82 -7.04 -16.35
CA THR B 37 -13.14 -6.01 -15.57
C THR B 37 -14.13 -5.16 -14.78
N GLU B 38 -15.32 -4.89 -15.35
CA GLU B 38 -16.42 -4.26 -14.60
C GLU B 38 -16.68 -4.99 -13.30
N ARG B 39 -16.94 -6.30 -13.38
CA ARG B 39 -17.17 -7.10 -12.18
C ARG B 39 -15.97 -7.03 -11.24
N LEU B 40 -14.75 -6.97 -11.79
CA LEU B 40 -13.60 -6.90 -10.91
C LEU B 40 -13.47 -5.52 -10.28
N PHE B 41 -13.63 -4.45 -11.07
CA PHE B 41 -13.39 -3.09 -10.57
C PHE B 41 -14.53 -2.58 -9.66
N THR B 42 -15.79 -2.88 -9.99
CA THR B 42 -16.89 -2.43 -9.15
C THR B 42 -17.23 -3.42 -8.03
N ASP B 43 -17.35 -4.72 -8.33
CA ASP B 43 -17.75 -5.68 -7.31
C ASP B 43 -16.58 -6.40 -6.66
N HIS B 44 -15.37 -6.18 -7.12
CA HIS B 44 -14.24 -6.85 -6.52
C HIS B 44 -14.50 -8.36 -6.50
N SER B 45 -14.94 -8.86 -7.65
CA SER B 45 -15.28 -10.25 -7.84
C SER B 45 -14.03 -11.11 -8.04
N PRO B 46 -13.71 -12.02 -7.10
CA PRO B 46 -12.60 -12.97 -7.32
C PRO B 46 -12.85 -13.92 -8.48
N GLU B 47 -14.12 -14.17 -8.83
CA GLU B 47 -14.43 -14.93 -10.04
C GLU B 47 -13.96 -14.19 -11.30
N ALA B 48 -14.22 -12.87 -11.38
CA ALA B 48 -13.77 -12.08 -12.54
C ALA B 48 -12.24 -12.06 -12.62
N PHE B 49 -11.58 -11.89 -11.48
CA PHE B 49 -10.13 -11.94 -11.46
C PHE B 49 -9.65 -13.26 -12.04
N LYS B 50 -10.25 -14.36 -11.58
CA LYS B 50 -9.81 -15.69 -12.03
C LYS B 50 -9.98 -15.79 -13.54
N GLN B 51 -11.12 -15.34 -14.05
CA GLN B 51 -11.36 -15.37 -15.47
C GLN B 51 -10.36 -14.54 -16.25
N ILE B 52 -9.90 -13.41 -15.69
CA ILE B 52 -8.91 -12.58 -16.38
C ILE B 52 -7.60 -13.33 -16.48
N LYS B 53 -7.17 -13.93 -15.37
CA LYS B 53 -5.93 -14.69 -15.35
C LYS B 53 -5.97 -15.81 -16.39
N LEU B 54 -7.15 -16.42 -16.56
CA LEU B 54 -7.28 -17.55 -17.46
C LEU B 54 -7.38 -17.12 -18.93
N ASN B 55 -7.81 -15.91 -19.21
CA ASN B 55 -7.83 -15.48 -20.59
C ASN B 55 -6.43 -15.16 -21.09
N ASP B 56 -5.58 -14.68 -20.21
CA ASP B 56 -4.19 -14.34 -20.47
C ASP B 56 -4.04 -13.66 -21.84
N LEU B 57 -4.68 -12.49 -21.97
CA LEU B 57 -4.75 -11.81 -23.26
C LEU B 57 -3.37 -11.56 -23.85
N SER B 58 -2.44 -11.09 -23.01
CA SER B 58 -1.08 -10.77 -23.42
C SER B 58 -0.07 -11.92 -23.26
N LYS B 59 -0.50 -13.12 -22.85
CA LYS B 59 0.40 -14.29 -22.73
C LYS B 59 1.45 -14.10 -21.63
N MSE B 60 0.99 -13.62 -20.46
CA MSE B 60 1.87 -13.26 -19.34
C MSE B 60 1.80 -14.22 -18.17
O MSE B 60 2.54 -14.09 -17.21
CB MSE B 60 1.54 -11.87 -18.83
CG MSE B 60 2.29 -10.72 -19.47
SE MSE B 60 4.22 -10.85 -19.16
CE MSE B 60 4.37 -10.40 -17.23
N SER B 61 0.89 -15.19 -18.22
CA SER B 61 0.55 -15.93 -17.00
C SER B 61 1.62 -16.96 -16.70
N GLY B 62 2.08 -16.95 -15.45
CA GLY B 62 3.13 -17.84 -14.98
C GLY B 62 4.54 -17.38 -15.23
N ARG B 63 4.71 -16.34 -16.03
CA ARG B 63 6.03 -15.86 -16.46
C ARG B 63 6.78 -15.16 -15.33
N THR B 64 8.05 -15.55 -15.15
CA THR B 64 8.95 -15.03 -14.10
C THR B 64 10.07 -14.13 -14.62
N ASN B 65 10.43 -14.19 -15.92
CA ASN B 65 11.37 -13.23 -16.55
C ASN B 65 10.86 -12.93 -17.96
N ALA B 66 9.72 -12.26 -18.03
CA ALA B 66 9.30 -11.64 -19.27
C ALA B 66 10.06 -10.33 -19.45
N SER B 67 10.49 -10.10 -20.67
CA SER B 67 11.17 -8.85 -21.05
C SER B 67 10.22 -7.68 -21.28
N THR B 68 10.62 -6.49 -20.83
CA THR B 68 9.79 -5.29 -20.94
C THR B 68 10.65 -4.04 -20.98
N THR B 69 10.07 -2.95 -21.45
CA THR B 69 10.79 -1.70 -21.51
C THR B 69 9.87 -0.54 -21.16
N THR B 70 10.43 0.44 -20.47
CA THR B 70 9.73 1.67 -20.18
C THR B 70 9.51 2.53 -21.43
N GLU B 71 10.14 2.18 -22.56
CA GLU B 71 10.08 3.01 -23.77
C GLU B 71 9.39 2.27 -24.89
N ILE B 72 8.18 2.72 -25.23
CA ILE B 72 7.42 2.06 -26.30
C ILE B 72 8.17 2.13 -27.62
N LYS B 73 8.93 3.19 -27.85
CA LYS B 73 9.68 3.30 -29.11
C LYS B 73 10.66 2.13 -29.25
N LEU B 74 11.25 1.70 -28.13
CA LEU B 74 12.11 0.52 -28.14
C LEU B 74 11.38 -0.68 -28.75
N VAL B 75 10.10 -0.85 -28.44
CA VAL B 75 9.39 -2.00 -28.96
C VAL B 75 9.06 -1.80 -30.43
N LYS B 76 8.59 -0.60 -30.78
CA LYS B 76 8.32 -0.29 -32.17
C LYS B 76 9.59 -0.42 -33.00
N GLU B 77 10.68 0.13 -32.51
CA GLU B 77 11.89 0.23 -33.31
C GLU B 77 12.59 -1.11 -33.42
N THR B 78 12.55 -1.91 -32.36
CA THR B 78 13.25 -3.19 -32.36
C THR B 78 12.46 -4.25 -33.12
N TRP B 79 11.18 -4.39 -32.84
CA TRP B 79 10.39 -5.50 -33.34
C TRP B 79 9.22 -5.09 -34.24
N ASP B 80 8.91 -3.79 -34.34
CA ASP B 80 7.83 -3.33 -35.21
C ASP B 80 6.54 -4.09 -34.89
N SER B 81 6.37 -4.47 -33.63
CA SER B 81 5.19 -5.20 -33.18
C SER B 81 3.91 -4.48 -33.57
N ASN B 82 2.99 -5.22 -34.18
CA ASN B 82 1.66 -4.68 -34.42
C ASN B 82 0.79 -4.71 -33.18
N VAL B 83 1.19 -5.42 -32.14
CA VAL B 83 0.47 -5.43 -30.86
C VAL B 83 1.47 -5.13 -29.75
N ILE B 84 1.12 -4.15 -28.91
CA ILE B 84 1.99 -3.70 -27.85
C ILE B 84 1.16 -3.74 -26.59
N PHE B 85 1.68 -4.41 -25.59
CA PHE B 85 1.01 -4.51 -24.31
C PHE B 85 1.64 -3.48 -23.39
N GLU B 86 0.79 -2.65 -22.81
CA GLU B 86 1.20 -1.60 -21.91
C GLU B 86 0.71 -1.98 -20.52
N MSE B 87 1.61 -2.07 -19.57
CA MSE B 87 1.20 -2.41 -18.24
C MSE B 87 1.45 -1.27 -17.27
O MSE B 87 2.50 -0.67 -17.25
CB MSE B 87 1.91 -3.66 -17.80
CG MSE B 87 1.72 -4.74 -18.84
SE MSE B 87 2.83 -6.29 -18.43
CE MSE B 87 4.59 -5.71 -19.06
N LEU B 88 0.42 -0.97 -16.51
CA LEU B 88 0.42 0.09 -15.51
C LEU B 88 0.39 -0.58 -14.14
N ASP B 89 1.41 -0.29 -13.35
CA ASP B 89 1.73 -1.06 -12.16
C ASP B 89 2.03 -0.09 -11.01
N PRO B 90 1.07 0.76 -10.64
CA PRO B 90 1.34 1.79 -9.61
C PRO B 90 1.56 1.22 -8.21
N ASP B 91 1.10 0.00 -7.94
CA ASP B 91 1.38 -0.64 -6.66
C ASP B 91 2.49 -1.68 -6.76
N GLY B 92 3.28 -1.62 -7.82
CA GLY B 92 4.50 -2.41 -7.84
C GLY B 92 4.31 -3.90 -7.83
N LEU B 93 3.09 -4.38 -8.11
CA LEU B 93 2.77 -5.81 -8.01
C LEU B 93 3.59 -6.69 -8.94
N LEU B 94 4.14 -6.17 -10.03
CA LEU B 94 5.08 -6.99 -10.75
C LEU B 94 6.27 -7.22 -9.82
N HIS B 95 7.33 -7.89 -10.30
CA HIS B 95 8.58 -8.01 -9.53
C HIS B 95 9.67 -7.61 -10.51
N SER B 96 9.93 -6.33 -10.63
CA SER B 96 10.45 -5.77 -11.87
C SER B 96 11.93 -5.47 -11.71
N LYS B 97 12.74 -6.52 -11.85
CA LYS B 97 14.20 -6.39 -11.82
C LYS B 97 14.70 -5.73 -13.11
N GLN B 98 15.55 -4.70 -12.97
CA GLN B 98 16.19 -4.07 -14.13
C GLN B 98 17.31 -4.95 -14.70
N VAL B 99 17.64 -4.74 -15.96
CA VAL B 99 18.45 -5.69 -16.71
C VAL B 99 19.51 -5.02 -17.59
N ALA B 107 18.45 2.67 -23.45
CA ALA B 107 17.80 1.37 -23.30
C ALA B 107 17.14 1.21 -21.92
N SER B 108 15.84 0.92 -21.93
CA SER B 108 15.15 0.45 -20.75
C SER B 108 14.92 -1.04 -20.89
N ALA B 109 15.21 -1.79 -19.83
CA ALA B 109 14.98 -3.23 -19.86
C ALA B 109 14.64 -3.65 -18.45
N PHE B 110 13.48 -4.25 -18.28
CA PHE B 110 13.12 -4.87 -17.02
C PHE B 110 12.62 -6.28 -17.30
N SER B 111 12.79 -7.12 -16.30
CA SER B 111 12.40 -8.51 -16.33
C SER B 111 11.30 -8.66 -15.30
N VAL B 112 10.14 -9.16 -15.73
CA VAL B 112 8.94 -9.09 -14.93
C VAL B 112 8.51 -10.51 -14.50
N TYR B 113 8.04 -10.60 -13.27
CA TYR B 113 7.34 -11.77 -12.76
C TYR B 113 5.93 -11.33 -12.41
N LEU B 114 4.95 -12.05 -12.94
CA LEU B 114 3.54 -11.81 -12.69
C LEU B 114 3.06 -12.92 -11.76
N PRO B 115 2.94 -12.68 -10.46
CA PRO B 115 2.44 -13.71 -9.55
C PRO B 115 1.03 -14.12 -9.91
N GLU B 116 0.69 -15.33 -9.47
CA GLU B 116 -0.62 -15.91 -9.68
C GLU B 116 -1.71 -15.13 -8.97
N ASP B 117 -1.37 -14.34 -7.95
CA ASP B 117 -2.36 -13.49 -7.28
C ASP B 117 -2.30 -12.05 -7.76
N VAL B 118 -1.79 -11.83 -8.98
CA VAL B 118 -1.84 -10.54 -9.67
C VAL B 118 -2.39 -10.79 -11.07
N ALA B 119 -3.35 -9.97 -11.48
CA ALA B 119 -3.84 -10.02 -12.86
C ALA B 119 -3.57 -8.70 -13.56
N LEU B 120 -3.26 -8.84 -14.85
CA LEU B 120 -3.20 -7.74 -15.81
C LEU B 120 -4.62 -7.55 -16.33
N VAL B 121 -5.34 -6.59 -15.75
CA VAL B 121 -6.73 -6.31 -16.07
C VAL B 121 -6.76 -5.38 -17.29
N PRO B 122 -7.35 -5.80 -18.42
CA PRO B 122 -7.40 -4.91 -19.59
C PRO B 122 -8.40 -3.77 -19.38
N VAL B 123 -8.00 -2.57 -19.80
CA VAL B 123 -8.82 -1.38 -19.62
C VAL B 123 -9.06 -0.66 -20.95
N LYS B 124 -8.16 -0.82 -21.92
CA LYS B 124 -8.32 -0.12 -23.19
C LYS B 124 -7.56 -0.82 -24.30
N VAL B 125 -8.14 -0.78 -25.50
CA VAL B 125 -7.45 -1.11 -26.74
C VAL B 125 -7.43 0.14 -27.59
N THR B 126 -6.25 0.54 -28.04
CA THR B 126 -6.19 1.80 -28.77
C THR B 126 -5.31 1.65 -30.00
N LEU B 127 -5.79 2.22 -31.10
CA LEU B 127 -5.06 2.24 -32.36
C LEU B 127 -3.93 3.26 -32.29
N ASP B 128 -2.73 2.84 -32.66
CA ASP B 128 -1.55 3.67 -32.55
C ASP B 128 -0.80 3.77 -33.87
N GLY B 129 -1.50 4.14 -34.94
CA GLY B 129 -0.91 4.18 -36.26
C GLY B 129 -0.72 2.82 -36.94
N LYS B 130 0.42 2.66 -37.61
CA LYS B 130 0.67 1.50 -38.44
C LYS B 130 2.12 1.07 -38.31
N THR B 131 2.32 -0.25 -38.39
CA THR B 131 3.65 -0.82 -38.47
C THR B 131 4.33 -0.40 -39.77
N GLN B 132 5.63 -0.68 -39.87
CA GLN B 132 6.33 -0.45 -41.13
C GLN B 132 5.80 -1.33 -42.26
N LYS B 133 5.03 -2.37 -41.95
CA LYS B 133 4.43 -3.22 -42.96
C LYS B 133 3.05 -2.75 -43.39
N GLY B 134 2.55 -1.68 -42.82
CA GLY B 134 1.22 -1.23 -43.16
C GLY B 134 0.11 -1.99 -42.46
N GLU B 135 0.43 -2.73 -41.40
CA GLU B 135 -0.63 -3.22 -40.53
C GLU B 135 -0.99 -2.16 -39.51
N ASN B 136 -2.23 -2.22 -39.04
CA ASN B 136 -2.61 -1.45 -37.86
C ASN B 136 -1.83 -1.93 -36.65
N ARG B 137 -1.35 -0.96 -35.86
CA ARG B 137 -0.75 -1.21 -34.56
C ARG B 137 -1.75 -0.85 -33.48
N TYR B 138 -1.88 -1.73 -32.50
CA TYR B 138 -2.77 -1.51 -31.38
C TYR B 138 -2.02 -1.62 -30.07
N VAL B 139 -2.33 -0.70 -29.18
CA VAL B 139 -1.84 -0.71 -27.81
C VAL B 139 -2.99 -1.21 -26.94
N PHE B 140 -2.72 -2.29 -26.21
CA PHE B 140 -3.61 -2.84 -25.20
C PHE B 140 -3.10 -2.39 -23.84
N THR B 141 -3.93 -1.66 -23.10
CA THR B 141 -3.54 -1.19 -21.78
C THR B 141 -4.11 -2.07 -20.66
N PHE B 142 -3.25 -2.36 -19.68
CA PHE B 142 -3.65 -3.16 -18.53
C PHE B 142 -3.25 -2.41 -17.27
N VAL B 143 -3.98 -2.70 -16.21
CA VAL B 143 -3.59 -2.30 -14.86
C VAL B 143 -3.37 -3.57 -14.05
N ALA B 144 -2.19 -3.66 -13.38
CA ALA B 144 -1.86 -4.79 -12.51
C ALA B 144 -2.54 -4.63 -11.15
N VAL B 145 -3.31 -5.64 -10.76
CA VAL B 145 -4.20 -5.58 -9.60
C VAL B 145 -4.01 -6.85 -8.76
N LYS B 146 -4.07 -6.73 -7.44
CA LYS B 146 -3.99 -7.94 -6.61
C LYS B 146 -5.37 -8.58 -6.52
N SER B 147 -5.38 -9.90 -6.38
CA SER B 147 -6.64 -10.59 -6.19
C SER B 147 -7.43 -10.01 -5.01
N PRO B 148 -8.77 -9.95 -5.07
CA PRO B 148 -9.60 -9.34 -4.03
C PRO B 148 -9.80 -10.24 -2.83
N LYS C 6 -2.95 -7.71 38.33
CA LYS C 6 -1.87 -7.22 37.48
C LYS C 6 -2.38 -6.25 36.38
N PRO C 7 -1.65 -5.16 36.12
CA PRO C 7 -2.14 -4.16 35.16
C PRO C 7 -2.07 -4.69 33.74
N PRO C 8 -2.89 -4.16 32.83
CA PRO C 8 -2.81 -4.59 31.44
C PRO C 8 -1.50 -4.11 30.84
N THR C 9 -1.01 -4.84 29.85
CA THR C 9 0.28 -4.52 29.26
C THR C 9 0.12 -3.95 27.85
N ARG C 10 -1.11 -3.81 27.38
CA ARG C 10 -1.39 -3.12 26.14
C ARG C 10 -2.63 -2.27 26.34
N LEU C 11 -2.62 -1.04 25.79
CA LEU C 11 -3.74 -0.11 25.91
C LEU C 11 -3.82 0.76 24.67
N PHE C 12 -5.05 1.11 24.28
CA PHE C 12 -5.30 1.91 23.08
C PHE C 12 -5.92 3.27 23.42
N ARG C 13 -5.62 4.26 22.58
CA ARG C 13 -6.07 5.64 22.69
C ARG C 13 -6.34 6.11 21.27
N GLY C 14 -7.45 6.80 21.04
CA GLY C 14 -7.79 7.30 19.71
C GLY C 14 -7.87 8.81 19.64
N LEU C 15 -7.37 9.37 18.54
CA LEU C 15 -7.55 10.78 18.23
C LEU C 15 -8.00 10.92 16.79
N ASN C 16 -8.95 11.80 16.59
CA ASN C 16 -9.37 12.18 15.24
C ASN C 16 -8.46 13.33 14.81
N LEU C 17 -7.65 13.10 13.78
CA LEU C 17 -6.71 14.09 13.33
C LEU C 17 -6.89 14.41 11.84
N SER C 18 -6.68 15.66 11.49
CA SER C 18 -6.81 16.11 10.12
C SER C 18 -5.78 15.42 9.26
N GLU C 19 -6.22 15.02 8.05
CA GLU C 19 -5.39 14.40 7.02
C GLU C 19 -4.02 15.07 6.87
N GLU C 20 -3.99 16.40 6.85
CA GLU C 20 -2.72 17.10 6.70
C GLU C 20 -1.82 16.84 7.90
N PHE C 21 -2.34 17.00 9.11
CA PHE C 21 -1.53 16.82 10.31
C PHE C 21 -1.13 15.37 10.45
N THR C 22 -2.03 14.45 10.10
CA THR C 22 -1.74 13.04 10.25
C THR C 22 -0.55 12.65 9.40
N LYS C 23 -0.45 13.26 8.21
CA LYS C 23 0.67 13.00 7.31
C LYS C 23 1.96 13.46 7.94
N GLY C 24 1.97 14.67 8.49
CA GLY C 24 3.16 15.16 9.17
C GLY C 24 3.52 14.31 10.38
N LEU C 25 2.52 13.75 11.06
CA LEU C 25 2.77 12.91 12.22
C LEU C 25 3.40 11.57 11.84
N ILE C 26 2.89 10.91 10.79
CA ILE C 26 3.45 9.64 10.31
C ILE C 26 4.94 9.79 9.99
N ASP C 27 5.31 10.89 9.30
CA ASP C 27 6.71 11.06 8.90
C ASP C 27 7.57 11.41 10.10
N GLN C 28 7.05 12.22 11.03
CA GLN C 28 7.78 12.50 12.27
C GLN C 28 8.06 11.20 13.01
N ALA C 29 7.05 10.34 13.10
CA ALA C 29 7.20 9.10 13.83
C ALA C 29 8.21 8.18 13.17
N ASN C 30 8.16 8.07 11.83
CA ASN C 30 9.10 7.20 11.11
C ASN C 30 10.50 7.78 11.15
N ALA C 31 10.59 9.11 11.14
CA ALA C 31 11.87 9.78 11.32
C ALA C 31 12.44 9.46 12.68
N MSE C 32 11.59 9.42 13.72
CA MSE C 32 12.06 9.03 15.05
C MSE C 32 12.40 7.58 15.18
O MSE C 32 13.45 7.24 15.72
CB MSE C 32 11.04 9.36 16.10
CG MSE C 32 10.92 10.84 16.29
SE MSE C 32 9.37 11.23 17.38
CE MSE C 32 10.13 10.82 19.12
N ILE C 33 11.50 6.71 14.71
CA ILE C 33 11.75 5.28 14.80
C ILE C 33 13.13 4.97 14.29
N ALA C 34 13.56 5.69 13.26
CA ALA C 34 14.86 5.43 12.67
C ALA C 34 16.02 6.14 13.37
N ASN C 35 15.77 7.16 14.19
CA ASN C 35 16.88 7.92 14.79
C ASN C 35 16.77 8.01 16.30
N THR C 36 15.78 8.76 16.82
CA THR C 36 15.71 8.93 18.27
C THR C 36 15.53 7.60 18.99
N THR C 37 14.65 6.73 18.49
CA THR C 37 14.45 5.48 19.22
C THR C 37 15.62 4.54 19.01
N GLU C 38 16.27 4.62 17.84
CA GLU C 38 17.50 3.86 17.62
C GLU C 38 18.58 4.22 18.65
N ARG C 39 18.84 5.52 18.86
CA ARG C 39 19.79 5.93 19.90
C ARG C 39 19.34 5.45 21.28
N LEU C 40 18.04 5.49 21.55
CA LEU C 40 17.58 5.03 22.85
C LEU C 40 17.74 3.53 23.00
N PHE C 41 17.41 2.74 21.96
CA PHE C 41 17.35 1.29 22.12
C PHE C 41 18.76 0.67 22.08
N THR C 42 19.61 1.14 21.18
CA THR C 42 20.94 0.56 21.09
C THR C 42 21.90 1.20 22.09
N ASP C 43 21.87 2.53 22.22
CA ASP C 43 22.85 3.27 23.01
C ASP C 43 22.34 3.78 24.35
N HIS C 44 21.07 3.51 24.68
CA HIS C 44 20.52 3.84 25.99
C HIS C 44 20.70 5.31 26.32
N SER C 45 20.46 6.14 25.31
CA SER C 45 20.84 7.54 25.36
C SER C 45 19.83 8.37 26.14
N PRO C 46 20.24 8.99 27.25
CA PRO C 46 19.33 9.94 27.95
C PRO C 46 18.83 11.09 27.08
N GLU C 47 19.64 11.51 26.09
CA GLU C 47 19.24 12.60 25.21
C GLU C 47 18.07 12.17 24.32
N ALA C 48 18.23 11.07 23.59
CA ALA C 48 17.14 10.51 22.80
C ALA C 48 15.90 10.35 23.66
N PHE C 49 16.06 9.93 24.92
CA PHE C 49 14.90 9.81 25.80
C PHE C 49 14.19 11.15 25.98
N LYS C 50 14.95 12.20 26.33
CA LYS C 50 14.37 13.52 26.55
C LYS C 50 13.68 14.03 25.30
N GLN C 51 14.28 13.77 24.13
CA GLN C 51 13.74 14.24 22.86
C GLN C 51 12.46 13.51 22.49
N ILE C 52 12.35 12.24 22.87
CA ILE C 52 11.08 11.54 22.71
C ILE C 52 9.99 12.20 23.57
N LYS C 53 10.31 12.59 24.82
CA LYS C 53 9.29 13.21 25.65
C LYS C 53 8.87 14.56 25.11
N LEU C 54 9.81 15.29 24.52
CA LEU C 54 9.47 16.60 23.98
C LEU C 54 8.63 16.46 22.72
N ASN C 55 8.88 15.43 21.89
CA ASN C 55 8.08 15.33 20.68
C ASN C 55 6.64 15.04 21.00
N ASP C 56 6.39 14.23 22.02
CA ASP C 56 5.06 13.91 22.50
C ASP C 56 4.13 13.61 21.32
N LEU C 57 4.49 12.57 20.55
CA LEU C 57 3.78 12.28 19.31
C LEU C 57 2.29 12.00 19.54
N SER C 58 1.94 11.31 20.64
CA SER C 58 0.55 10.98 20.97
C SER C 58 -0.13 11.96 21.95
N LYS C 59 0.52 13.05 22.35
CA LYS C 59 -0.12 14.05 23.22
C LYS C 59 -0.39 13.47 24.61
N MSE C 60 0.59 12.76 25.16
CA MSE C 60 0.46 12.03 26.43
C MSE C 60 1.20 12.66 27.60
O MSE C 60 0.91 12.33 28.76
CB MSE C 60 0.98 10.60 26.27
CG MSE C 60 -0.01 9.62 25.71
SE MSE C 60 -1.38 9.34 27.05
CE MSE C 60 -0.21 9.07 28.62
N SER C 61 2.16 13.53 27.32
CA SER C 61 3.12 13.91 28.34
C SER C 61 2.45 14.80 29.37
N GLY C 62 2.70 14.46 30.63
CA GLY C 62 2.08 15.08 31.78
C GLY C 62 0.70 14.59 32.11
N ARG C 63 0.06 13.80 31.25
CA ARG C 63 -1.31 13.36 31.50
C ARG C 63 -1.35 12.43 32.73
N THR C 64 -2.19 12.78 33.71
CA THR C 64 -2.44 11.94 34.86
C THR C 64 -3.69 11.08 34.75
N ASN C 65 -4.59 11.34 33.80
CA ASN C 65 -5.81 10.57 33.75
C ASN C 65 -6.27 10.56 32.30
N ALA C 66 -5.41 10.01 31.46
CA ALA C 66 -5.73 9.78 30.08
C ALA C 66 -6.56 8.50 29.98
N SER C 67 -7.70 8.60 29.31
CA SER C 67 -8.56 7.45 29.07
C SER C 67 -7.97 6.50 28.05
N THR C 68 -8.06 5.21 28.35
CA THR C 68 -7.58 4.16 27.49
C THR C 68 -8.47 2.94 27.70
N THR C 69 -8.41 2.03 26.73
CA THR C 69 -9.09 0.76 26.85
C THR C 69 -8.14 -0.32 26.37
N THR C 70 -8.37 -1.55 26.85
CA THR C 70 -7.63 -2.70 26.34
C THR C 70 -8.10 -3.09 24.94
N GLU C 71 -9.25 -2.58 24.53
CA GLU C 71 -9.92 -3.11 23.35
C GLU C 71 -9.90 -2.05 22.26
N ILE C 72 -9.13 -2.33 21.20
CA ILE C 72 -9.08 -1.44 20.06
C ILE C 72 -10.45 -1.29 19.43
N LYS C 73 -11.30 -2.32 19.48
CA LYS C 73 -12.59 -2.22 18.81
C LYS C 73 -13.43 -1.14 19.48
N LEU C 74 -13.32 -1.00 20.81
CA LEU C 74 -14.01 0.08 21.52
C LEU C 74 -13.58 1.46 21.03
N VAL C 75 -12.29 1.67 20.73
CA VAL C 75 -11.86 2.97 20.22
C VAL C 75 -12.51 3.24 18.87
N LYS C 76 -12.40 2.27 17.98
CA LYS C 76 -12.96 2.43 16.64
C LYS C 76 -14.46 2.66 16.68
N GLU C 77 -15.17 1.94 17.56
CA GLU C 77 -16.63 1.93 17.54
C GLU C 77 -17.17 3.18 18.20
N THR C 78 -16.48 3.66 19.23
CA THR C 78 -16.95 4.80 20.01
C THR C 78 -16.64 6.13 19.32
N TRP C 79 -15.41 6.30 18.79
CA TRP C 79 -14.97 7.58 18.24
C TRP C 79 -14.48 7.49 16.80
N ASP C 80 -14.42 6.29 16.22
CA ASP C 80 -14.00 6.11 14.83
C ASP C 80 -12.76 6.94 14.49
N SER C 81 -11.82 6.96 15.42
CA SER C 81 -10.61 7.74 15.24
C SER C 81 -9.81 7.23 14.04
N ASN C 82 -9.30 8.15 13.24
CA ASN C 82 -8.42 7.75 12.15
C ASN C 82 -7.00 7.48 12.60
N VAL C 83 -6.62 7.95 13.79
CA VAL C 83 -5.31 7.73 14.39
C VAL C 83 -5.51 7.05 15.74
N ILE C 84 -4.90 5.89 15.92
CA ILE C 84 -5.01 5.12 17.16
C ILE C 84 -3.59 4.88 17.69
N PHE C 85 -3.40 5.14 18.97
CA PHE C 85 -2.14 4.89 19.64
C PHE C 85 -2.21 3.60 20.44
N GLU C 86 -1.25 2.72 20.18
CA GLU C 86 -1.13 1.43 20.85
C GLU C 86 0.10 1.53 21.72
N MSE C 87 -0.11 1.45 23.03
CA MSE C 87 0.95 1.54 23.99
C MSE C 87 1.24 0.18 24.58
O MSE C 87 0.39 -0.41 25.28
CB MSE C 87 0.58 2.52 25.09
CG MSE C 87 0.25 3.92 24.54
SE MSE C 87 -0.69 5.05 25.92
CE MSE C 87 -2.54 4.36 25.70
N LEU C 88 2.45 -0.29 24.36
CA LEU C 88 2.87 -1.58 24.90
C LEU C 88 3.64 -1.34 26.19
N ASP C 89 3.16 -1.92 27.27
CA ASP C 89 3.69 -1.62 28.60
C ASP C 89 3.98 -2.89 29.41
N PRO C 90 4.88 -3.74 28.94
CA PRO C 90 5.20 -5.00 29.67
C PRO C 90 5.82 -4.82 31.05
N ASP C 91 6.45 -3.69 31.32
CA ASP C 91 7.11 -3.51 32.60
C ASP C 91 6.25 -2.76 33.62
N GLY C 92 4.95 -2.53 33.30
CA GLY C 92 4.05 -1.91 34.23
C GLY C 92 4.57 -0.55 34.62
N LEU C 93 5.01 0.22 33.64
CA LEU C 93 5.61 1.52 33.91
C LEU C 93 4.59 2.63 33.90
N LEU C 94 3.50 2.46 33.17
CA LEU C 94 2.38 3.37 33.31
C LEU C 94 1.74 3.15 34.66
N HIS C 95 1.21 4.21 35.24
CA HIS C 95 0.35 4.07 36.40
C HIS C 95 -1.08 3.93 35.88
N SER C 96 -1.53 2.69 35.71
CA SER C 96 -2.89 2.43 35.24
C SER C 96 -3.82 2.13 36.40
N LYS C 97 -4.96 2.83 36.44
CA LYS C 97 -6.03 2.58 37.41
C LYS C 97 -7.29 2.21 36.64
N GLN C 98 -7.95 1.15 37.05
CA GLN C 98 -9.14 0.71 36.34
C GLN C 98 -10.34 1.64 36.64
N VAL C 99 -11.29 1.62 35.73
CA VAL C 99 -12.39 2.58 35.74
C VAL C 99 -13.73 1.88 35.70
N SER C 108 -13.63 -2.43 30.91
CA SER C 108 -12.34 -2.48 30.22
C SER C 108 -11.49 -1.22 30.44
N ALA C 109 -12.14 -0.12 30.81
CA ALA C 109 -11.51 1.19 30.73
C ALA C 109 -10.44 1.39 31.81
N PHE C 110 -9.36 2.03 31.41
CA PHE C 110 -8.25 2.35 32.29
C PHE C 110 -7.89 3.81 32.14
N SER C 111 -7.43 4.39 33.23
CA SER C 111 -7.03 5.78 33.29
C SER C 111 -5.53 5.79 33.55
N VAL C 112 -4.77 6.40 32.67
CA VAL C 112 -3.31 6.28 32.69
C VAL C 112 -2.67 7.58 33.11
N TYR C 113 -1.59 7.47 33.89
CA TYR C 113 -0.65 8.54 34.15
C TYR C 113 0.73 8.14 33.64
N LEU C 114 1.31 9.00 32.82
CA LEU C 114 2.61 8.77 32.23
C LEU C 114 3.63 9.64 32.98
N PRO C 115 4.39 9.09 33.91
CA PRO C 115 5.42 9.88 34.58
C PRO C 115 6.41 10.45 33.56
N GLU C 116 7.04 11.56 33.95
CA GLU C 116 8.03 12.24 33.14
C GLU C 116 9.30 11.45 32.96
N ASP C 117 9.49 10.36 33.72
CA ASP C 117 10.64 9.47 33.59
C ASP C 117 10.28 8.16 32.87
N VAL C 118 9.10 8.12 32.25
CA VAL C 118 8.70 7.08 31.32
C VAL C 118 8.42 7.77 29.97
N ALA C 119 8.95 7.18 28.88
CA ALA C 119 8.67 7.62 27.51
C ALA C 119 7.92 6.54 26.73
N LEU C 120 6.93 7.00 25.95
CA LEU C 120 6.25 6.18 24.94
C LEU C 120 7.11 6.22 23.67
N VAL C 121 7.95 5.21 23.51
CA VAL C 121 8.91 5.16 22.42
C VAL C 121 8.25 4.62 21.15
N PRO C 122 8.10 5.42 20.09
CA PRO C 122 7.49 4.90 18.87
C PRO C 122 8.38 3.82 18.27
N VAL C 123 7.76 2.77 17.72
CA VAL C 123 8.50 1.69 17.05
C VAL C 123 7.86 1.26 15.74
N LYS C 124 6.57 1.59 15.53
CA LYS C 124 5.97 1.28 14.25
C LYS C 124 4.78 2.18 13.94
N VAL C 125 4.56 2.42 12.65
CA VAL C 125 3.34 3.04 12.14
C VAL C 125 2.78 2.12 11.07
N THR C 126 1.51 1.80 11.19
CA THR C 126 0.93 0.88 10.23
C THR C 126 -0.46 1.36 9.82
N LEU C 127 -0.79 1.03 8.57
CA LEU C 127 -2.10 1.32 8.03
C LEU C 127 -3.07 0.21 8.47
N ASP C 128 -4.19 0.59 9.03
CA ASP C 128 -5.15 -0.41 9.52
C ASP C 128 -6.54 -0.01 9.04
N GLY C 129 -6.77 -0.15 7.75
CA GLY C 129 -8.12 0.00 7.23
C GLY C 129 -8.50 1.46 7.08
N LYS C 130 -9.80 1.73 7.24
CA LYS C 130 -10.35 3.07 7.05
C LYS C 130 -11.49 3.31 8.03
N THR C 131 -11.74 4.59 8.32
CA THR C 131 -12.89 4.92 9.16
C THR C 131 -14.15 4.93 8.30
N GLN C 132 -15.29 4.92 8.97
CA GLN C 132 -16.55 5.03 8.26
C GLN C 132 -16.55 6.24 7.34
N LYS C 133 -15.74 7.26 7.64
CA LYS C 133 -15.67 8.44 6.79
C LYS C 133 -14.66 8.30 5.68
N GLY C 134 -14.07 7.11 5.49
CA GLY C 134 -13.09 6.90 4.44
C GLY C 134 -11.74 7.57 4.65
N GLU C 135 -11.43 8.02 5.86
CA GLU C 135 -10.04 8.33 6.16
C GLU C 135 -9.25 7.04 6.25
N ASN C 136 -8.05 7.03 5.69
CA ASN C 136 -7.05 6.06 6.12
C ASN C 136 -6.90 6.10 7.64
N ARG C 137 -6.88 4.91 8.24
CA ARG C 137 -6.59 4.76 9.65
C ARG C 137 -5.18 4.22 9.84
N TYR C 138 -4.52 4.68 10.89
CA TYR C 138 -3.17 4.20 11.23
C TYR C 138 -3.10 3.83 12.69
N VAL C 139 -2.34 2.80 13.00
CA VAL C 139 -1.94 2.52 14.36
C VAL C 139 -0.47 2.93 14.53
N PHE C 140 -0.24 3.80 15.51
CA PHE C 140 1.11 4.12 15.94
C PHE C 140 1.38 3.27 17.18
N THR C 141 2.37 2.41 17.11
CA THR C 141 2.78 1.57 18.24
C THR C 141 3.97 2.17 19.00
N PHE C 142 3.87 2.12 20.33
CA PHE C 142 4.91 2.58 21.25
C PHE C 142 5.18 1.50 22.27
N VAL C 143 6.39 1.54 22.82
CA VAL C 143 6.73 0.74 23.99
C VAL C 143 7.08 1.68 25.11
N ALA C 144 6.48 1.46 26.29
CA ALA C 144 6.82 2.24 27.47
C ALA C 144 8.18 1.81 28.03
N VAL C 145 9.06 2.78 28.24
CA VAL C 145 10.45 2.53 28.64
C VAL C 145 10.88 3.52 29.70
N LYS C 146 11.74 3.08 30.62
CA LYS C 146 12.15 3.98 31.68
C LYS C 146 13.40 4.74 31.27
N SER C 147 13.54 5.92 31.87
CA SER C 147 14.71 6.76 31.62
C SER C 147 16.00 5.95 31.85
N PRO C 148 17.00 6.08 30.99
CA PRO C 148 18.20 5.27 31.14
C PRO C 148 19.09 5.73 32.30
N PRO D 7 -14.33 0.18 -2.26
CA PRO D 7 -14.70 1.25 -3.23
C PRO D 7 -14.42 0.89 -4.69
N PRO D 8 -15.13 1.50 -5.62
CA PRO D 8 -14.94 1.17 -7.04
C PRO D 8 -13.61 1.71 -7.57
N THR D 9 -12.93 0.91 -8.36
CA THR D 9 -11.64 1.32 -8.89
C THR D 9 -11.74 2.02 -10.25
N ARG D 10 -12.88 1.97 -10.94
CA ARG D 10 -13.02 2.67 -12.22
C ARG D 10 -14.24 3.57 -12.17
N LEU D 11 -14.03 4.87 -12.43
CA LEU D 11 -15.09 5.84 -12.38
C LEU D 11 -15.01 6.75 -13.59
N PHE D 12 -16.18 7.22 -14.05
CA PHE D 12 -16.32 8.08 -15.20
C PHE D 12 -17.00 9.41 -14.85
N ARG D 13 -16.63 10.47 -15.59
CA ARG D 13 -17.41 11.70 -15.65
C ARG D 13 -17.15 12.42 -16.97
N GLY D 14 -18.18 13.10 -17.46
CA GLY D 14 -18.12 13.70 -18.78
C GLY D 14 -18.21 15.22 -18.79
N LEU D 15 -17.55 15.82 -19.76
CA LEU D 15 -17.69 17.25 -20.03
C LEU D 15 -17.94 17.43 -21.51
N ASN D 16 -19.07 18.04 -21.83
CA ASN D 16 -19.23 18.60 -23.17
C ASN D 16 -18.22 19.74 -23.36
N LEU D 17 -17.34 19.60 -24.35
CA LEU D 17 -16.29 20.57 -24.61
C LEU D 17 -16.28 20.96 -26.10
N SER D 18 -15.90 22.19 -26.38
CA SER D 18 -15.98 22.65 -27.75
C SER D 18 -14.92 21.96 -28.60
N GLU D 19 -15.11 22.07 -29.92
CA GLU D 19 -14.30 21.30 -30.87
C GLU D 19 -12.86 21.78 -30.90
N GLU D 20 -12.67 23.10 -30.93
CA GLU D 20 -11.34 23.67 -30.76
C GLU D 20 -10.71 23.16 -29.46
N PHE D 21 -11.36 23.41 -28.33
CA PHE D 21 -10.73 23.07 -27.05
C PHE D 21 -10.42 21.59 -26.99
N THR D 22 -11.33 20.76 -27.47
CA THR D 22 -11.10 19.31 -27.43
C THR D 22 -9.84 18.95 -28.20
N LYS D 23 -9.64 19.56 -29.38
CA LYS D 23 -8.46 19.19 -30.16
C LYS D 23 -7.19 19.62 -29.45
N GLY D 24 -7.23 20.77 -28.78
CA GLY D 24 -6.12 21.18 -27.94
C GLY D 24 -5.91 20.28 -26.74
N LEU D 25 -6.98 19.76 -26.17
CA LEU D 25 -6.84 18.92 -24.97
C LEU D 25 -6.27 17.54 -25.31
N ILE D 26 -6.62 16.98 -26.47
CA ILE D 26 -5.97 15.77 -27.00
C ILE D 26 -4.45 15.98 -27.16
N ASP D 27 -4.04 17.08 -27.78
CA ASP D 27 -2.60 17.33 -27.95
C ASP D 27 -1.91 17.49 -26.60
N GLN D 28 -2.57 18.22 -25.71
CA GLN D 28 -2.03 18.46 -24.40
C GLN D 28 -1.84 17.14 -23.66
N ALA D 29 -2.85 16.27 -23.72
CA ALA D 29 -2.79 14.98 -23.05
C ALA D 29 -1.71 14.09 -23.66
N ASN D 30 -1.60 14.05 -24.98
CA ASN D 30 -0.61 13.18 -25.59
C ASN D 30 0.80 13.66 -25.29
N ALA D 31 0.99 14.98 -25.14
CA ALA D 31 2.30 15.47 -24.77
C ALA D 31 2.66 15.04 -23.36
N MSE D 32 1.74 15.21 -22.43
CA MSE D 32 2.04 14.70 -21.11
C MSE D 32 2.30 13.21 -21.12
O MSE D 32 3.24 12.76 -20.51
CB MSE D 32 0.91 15.02 -20.17
CG MSE D 32 0.92 16.43 -19.82
SE MSE D 32 -0.84 16.93 -19.31
CE MSE D 32 -0.77 16.29 -17.44
N ILE D 33 1.46 12.44 -21.83
CA ILE D 33 1.60 11.00 -21.80
C ILE D 33 3.01 10.61 -22.16
N ALA D 34 3.62 11.39 -23.06
CA ALA D 34 4.99 11.17 -23.53
C ALA D 34 6.06 11.81 -22.67
N ASN D 35 5.80 12.99 -22.07
CA ASN D 35 6.88 13.86 -21.59
C ASN D 35 6.71 14.34 -20.16
N THR D 36 5.88 13.71 -19.37
CA THR D 36 5.54 14.22 -18.04
C THR D 36 5.06 13.03 -17.23
N THR D 37 4.15 12.23 -17.78
CA THR D 37 3.82 10.97 -17.12
C THR D 37 4.97 9.99 -17.24
N GLU D 38 5.74 10.06 -18.34
CA GLU D 38 6.99 9.32 -18.40
C GLU D 38 7.89 9.65 -17.20
N ARG D 39 8.11 10.93 -16.95
CA ARG D 39 9.04 11.24 -15.87
C ARG D 39 8.45 10.85 -14.53
N LEU D 40 7.13 10.91 -14.41
CA LEU D 40 6.48 10.48 -13.17
C LEU D 40 6.52 8.96 -13.00
N PHE D 41 6.31 8.20 -14.10
CA PHE D 41 6.19 6.74 -14.02
C PHE D 41 7.56 6.03 -13.96
N THR D 42 8.58 6.52 -14.66
CA THR D 42 9.89 5.89 -14.56
C THR D 42 10.76 6.52 -13.45
N ASP D 43 10.94 7.84 -13.49
CA ASP D 43 11.82 8.55 -12.57
C ASP D 43 11.16 8.94 -11.26
N HIS D 44 9.85 8.80 -11.12
CA HIS D 44 9.19 9.11 -9.84
C HIS D 44 9.51 10.55 -9.43
N SER D 45 9.54 11.42 -10.46
CA SER D 45 9.79 12.85 -10.40
C SER D 45 8.67 13.59 -9.66
N PRO D 46 8.96 14.12 -8.46
CA PRO D 46 8.02 15.04 -7.80
C PRO D 46 7.71 16.30 -8.61
N GLU D 47 8.65 16.76 -9.44
CA GLU D 47 8.36 17.89 -10.31
C GLU D 47 7.30 17.52 -11.32
N ALA D 48 7.45 16.35 -11.96
CA ALA D 48 6.46 15.90 -12.93
C ALA D 48 5.09 15.86 -12.28
N PHE D 49 5.04 15.30 -11.07
CA PHE D 49 3.80 15.22 -10.32
C PHE D 49 3.14 16.59 -10.15
N LYS D 50 3.94 17.63 -9.83
CA LYS D 50 3.38 18.98 -9.70
C LYS D 50 2.94 19.51 -11.06
N GLN D 51 3.72 19.24 -12.10
CA GLN D 51 3.32 19.63 -13.44
C GLN D 51 1.95 19.06 -13.79
N ILE D 52 1.75 17.77 -13.50
CA ILE D 52 0.49 17.13 -13.85
C ILE D 52 -0.66 17.81 -13.13
N LYS D 53 -0.46 18.09 -11.84
CA LYS D 53 -1.47 18.77 -11.05
C LYS D 53 -1.75 20.18 -11.60
N LEU D 54 -0.71 20.90 -12.02
CA LEU D 54 -0.91 22.25 -12.54
C LEU D 54 -1.71 22.20 -13.83
N ASN D 55 -1.51 21.16 -14.63
CA ASN D 55 -2.21 21.07 -15.89
C ASN D 55 -3.70 20.89 -15.68
N ASP D 56 -4.09 20.01 -14.76
CA ASP D 56 -5.49 19.77 -14.43
C ASP D 56 -6.31 19.51 -15.70
N LEU D 57 -5.90 18.47 -16.43
CA LEU D 57 -6.53 18.16 -17.72
C LEU D 57 -8.03 17.99 -17.60
N SER D 58 -8.50 17.29 -16.56
CA SER D 58 -9.92 16.99 -16.40
C SER D 58 -10.66 17.99 -15.51
N LYS D 59 -10.01 19.05 -15.07
CA LYS D 59 -10.66 20.07 -14.25
C LYS D 59 -11.13 19.49 -12.92
N MSE D 60 -10.25 18.72 -12.29
CA MSE D 60 -10.57 17.99 -11.08
C MSE D 60 -9.90 18.55 -9.84
O MSE D 60 -10.31 18.23 -8.72
CB MSE D 60 -10.15 16.54 -11.25
CG MSE D 60 -11.15 15.69 -11.95
SE MSE D 60 -12.56 15.41 -10.66
CE MSE D 60 -11.50 14.72 -9.15
N SER D 61 -8.88 19.38 -10.04
CA SER D 61 -7.99 19.70 -8.94
C SER D 61 -8.69 20.55 -7.89
N GLY D 62 -8.38 20.26 -6.62
CA GLY D 62 -9.06 20.80 -5.47
C GLY D 62 -10.47 20.29 -5.23
N ARG D 63 -11.03 19.48 -6.13
CA ARG D 63 -12.42 19.05 -6.00
C ARG D 63 -12.60 18.09 -4.84
N THR D 64 -13.59 18.40 -3.97
CA THR D 64 -13.96 17.58 -2.81
C THR D 64 -15.26 16.82 -2.97
N ASN D 65 -16.12 17.17 -3.96
CA ASN D 65 -17.22 16.26 -4.25
C ASN D 65 -17.64 16.41 -5.72
N ALA D 66 -16.81 15.85 -6.59
CA ALA D 66 -17.15 15.73 -8.00
C ALA D 66 -17.92 14.44 -8.28
N SER D 67 -18.97 14.58 -9.09
CA SER D 67 -19.85 13.47 -9.44
C SER D 67 -19.22 12.54 -10.47
N THR D 68 -19.40 11.23 -10.23
CA THR D 68 -18.90 10.19 -11.11
C THR D 68 -19.87 9.02 -11.14
N THR D 69 -19.59 8.09 -12.04
CA THR D 69 -20.43 6.91 -12.16
C THR D 69 -19.54 5.75 -12.59
N THR D 70 -19.84 4.56 -12.08
CA THR D 70 -19.17 3.38 -12.59
C THR D 70 -19.59 3.04 -14.01
N GLU D 71 -20.68 3.64 -14.50
CA GLU D 71 -21.30 3.27 -15.78
C GLU D 71 -21.05 4.36 -16.83
N ILE D 72 -20.15 4.07 -17.76
CA ILE D 72 -19.87 5.02 -18.83
C ILE D 72 -21.11 5.29 -19.65
N LYS D 73 -22.01 4.29 -19.78
CA LYS D 73 -23.26 4.49 -20.51
C LYS D 73 -24.13 5.53 -19.81
N LEU D 74 -23.99 5.66 -18.49
CA LEU D 74 -24.70 6.73 -17.76
C LEU D 74 -24.27 8.12 -18.21
N VAL D 75 -22.96 8.35 -18.40
CA VAL D 75 -22.49 9.66 -18.88
C VAL D 75 -23.04 9.93 -20.28
N LYS D 76 -22.92 8.95 -21.16
CA LYS D 76 -23.30 9.12 -22.55
C LYS D 76 -24.79 9.38 -22.66
N GLU D 77 -25.61 8.60 -21.96
CA GLU D 77 -27.07 8.70 -22.12
C GLU D 77 -27.59 9.97 -21.47
N THR D 78 -26.94 10.45 -20.41
CA THR D 78 -27.45 11.59 -19.66
C THR D 78 -26.97 12.91 -20.26
N TRP D 79 -25.66 13.06 -20.49
CA TRP D 79 -25.14 14.30 -21.05
C TRP D 79 -24.57 14.16 -22.46
N ASP D 80 -24.42 12.93 -22.97
CA ASP D 80 -23.87 12.72 -24.30
C ASP D 80 -22.55 13.47 -24.44
N SER D 81 -21.78 13.47 -23.37
CA SER D 81 -20.53 14.21 -23.39
C SER D 81 -19.66 13.74 -24.55
N ASN D 82 -19.00 14.69 -25.21
CA ASN D 82 -18.01 14.29 -26.22
C ASN D 82 -16.67 13.95 -25.59
N VAL D 83 -16.43 14.37 -24.36
CA VAL D 83 -15.20 14.05 -23.68
C VAL D 83 -15.53 13.36 -22.37
N ILE D 84 -15.01 12.16 -22.20
CA ILE D 84 -15.30 11.37 -21.01
C ILE D 84 -13.97 11.09 -20.34
N PHE D 85 -13.93 11.34 -19.01
CA PHE D 85 -12.76 11.09 -18.19
C PHE D 85 -12.94 9.80 -17.42
N GLU D 86 -12.02 8.88 -17.61
CA GLU D 86 -12.04 7.55 -17.00
C GLU D 86 -10.93 7.52 -15.97
N MSE D 87 -11.30 7.32 -14.71
CA MSE D 87 -10.30 7.31 -13.66
C MSE D 87 -10.15 5.94 -13.02
O MSE D 87 -11.10 5.33 -12.53
CB MSE D 87 -10.62 8.35 -12.60
CG MSE D 87 -10.75 9.76 -13.19
SE MSE D 87 -11.67 10.96 -11.91
CE MSE D 87 -13.57 10.39 -12.04
N LEU D 88 -8.90 5.50 -13.01
CA LEU D 88 -8.51 4.18 -12.54
C LEU D 88 -7.79 4.34 -11.22
N ASP D 89 -8.38 3.80 -10.18
CA ASP D 89 -8.02 4.15 -8.80
C ASP D 89 -7.98 2.88 -7.96
N PRO D 90 -7.00 2.00 -8.21
CA PRO D 90 -6.93 0.74 -7.46
C PRO D 90 -6.48 0.90 -6.03
N ASP D 91 -6.11 2.11 -5.60
CA ASP D 91 -5.67 2.39 -4.23
C ASP D 91 -6.67 3.20 -3.41
N GLY D 92 -7.86 3.44 -3.93
CA GLY D 92 -8.84 4.20 -3.16
C GLY D 92 -8.39 5.59 -2.80
N LEU D 93 -7.39 6.13 -3.50
CA LEU D 93 -6.90 7.48 -3.22
C LEU D 93 -7.95 8.52 -3.48
N LEU D 94 -8.88 8.22 -4.36
CA LEU D 94 -10.11 8.99 -4.45
C LEU D 94 -10.98 8.52 -3.32
N HIS D 95 -11.65 9.44 -2.67
CA HIS D 95 -12.37 9.11 -1.47
C HIS D 95 -13.84 8.90 -1.85
N SER D 96 -14.08 7.79 -2.52
CA SER D 96 -15.36 7.59 -3.20
C SER D 96 -16.47 7.20 -2.24
N LYS D 97 -17.51 8.06 -2.13
CA LYS D 97 -18.78 7.72 -1.48
C LYS D 97 -19.85 7.42 -2.53
N GLN D 98 -20.57 6.34 -2.34
CA GLN D 98 -21.78 6.16 -3.11
C GLN D 98 -22.80 7.20 -2.70
N VAL D 99 -23.56 7.68 -3.65
CA VAL D 99 -24.25 8.93 -3.46
C VAL D 99 -25.64 8.88 -4.07
N GLY D 100 -26.00 7.75 -4.65
CA GLY D 100 -27.21 7.63 -5.42
C GLY D 100 -28.03 6.43 -5.00
N ARG D 101 -29.24 6.39 -5.56
CA ARG D 101 -30.28 5.45 -5.18
C ARG D 101 -30.67 4.64 -6.40
N HIS D 102 -30.71 3.33 -6.24
CA HIS D 102 -31.29 2.40 -7.18
C HIS D 102 -32.71 2.82 -7.57
N GLY D 103 -33.52 3.25 -6.59
CA GLY D 103 -34.85 3.73 -6.91
C GLY D 103 -34.89 4.95 -7.80
N GLU D 104 -33.83 5.76 -7.78
CA GLU D 104 -33.69 6.89 -8.70
C GLU D 104 -32.77 6.57 -9.88
N GLY D 105 -32.48 5.29 -10.12
CA GLY D 105 -31.61 4.90 -11.22
C GLY D 105 -30.23 5.50 -11.15
N THR D 106 -29.72 5.75 -9.95
CA THR D 106 -28.42 6.38 -9.80
C THR D 106 -27.55 5.62 -8.79
N ALA D 107 -27.72 4.29 -8.70
CA ALA D 107 -26.92 3.47 -7.79
C ALA D 107 -25.46 3.40 -8.20
N SER D 108 -25.16 3.66 -9.47
CA SER D 108 -23.78 3.74 -9.95
C SER D 108 -23.08 5.03 -9.56
N ALA D 109 -23.77 5.98 -8.91
CA ALA D 109 -23.20 7.32 -8.70
C ALA D 109 -22.29 7.37 -7.47
N PHE D 110 -21.16 8.08 -7.60
CA PHE D 110 -20.22 8.28 -6.50
C PHE D 110 -19.73 9.71 -6.51
N SER D 111 -19.41 10.22 -5.33
CA SER D 111 -18.77 11.52 -5.20
C SER D 111 -17.34 11.30 -4.81
N VAL D 112 -16.50 12.17 -5.33
CA VAL D 112 -15.06 12.00 -5.28
C VAL D 112 -14.39 13.26 -4.76
N TYR D 113 -13.30 13.06 -4.05
CA TYR D 113 -12.45 14.11 -3.54
C TYR D 113 -11.04 13.79 -3.98
N LEU D 114 -10.39 14.72 -4.67
CA LEU D 114 -9.04 14.48 -5.15
C LEU D 114 -8.04 15.24 -4.27
N PRO D 115 -7.34 14.60 -3.35
CA PRO D 115 -6.41 15.34 -2.50
C PRO D 115 -5.30 15.98 -3.32
N GLU D 116 -4.69 17.00 -2.73
CA GLU D 116 -3.58 17.68 -3.38
C GLU D 116 -2.35 16.79 -3.53
N ASP D 117 -2.18 15.76 -2.71
CA ASP D 117 -1.10 14.80 -2.91
C ASP D 117 -1.51 13.57 -3.75
N VAL D 118 -2.53 13.71 -4.61
CA VAL D 118 -2.94 12.67 -5.55
C VAL D 118 -3.09 13.30 -6.92
N ALA D 119 -2.40 12.74 -7.91
CA ALA D 119 -2.51 13.22 -9.29
C ALA D 119 -3.34 12.26 -10.12
N LEU D 120 -4.13 12.82 -11.01
CA LEU D 120 -4.79 12.02 -12.05
C LEU D 120 -3.82 12.00 -13.22
N VAL D 121 -3.13 10.89 -13.40
CA VAL D 121 -2.03 10.81 -14.36
C VAL D 121 -2.58 10.27 -15.68
N PRO D 122 -2.58 11.06 -16.75
CA PRO D 122 -3.16 10.60 -18.01
C PRO D 122 -2.26 9.58 -18.66
N VAL D 123 -2.85 8.51 -19.17
CA VAL D 123 -2.08 7.45 -19.80
C VAL D 123 -2.54 7.15 -21.21
N LYS D 124 -3.75 7.54 -21.59
CA LYS D 124 -4.23 7.24 -22.93
C LYS D 124 -5.34 8.21 -23.31
N VAL D 125 -5.47 8.43 -24.61
CA VAL D 125 -6.62 9.09 -25.20
C VAL D 125 -7.16 8.16 -26.27
N THR D 126 -8.46 7.91 -26.27
CA THR D 126 -8.95 7.04 -27.33
C THR D 126 -10.34 7.42 -27.82
N LEU D 127 -10.51 7.30 -29.12
CA LEU D 127 -11.76 7.59 -29.79
C LEU D 127 -12.79 6.51 -29.42
N ASP D 128 -13.98 6.94 -28.97
CA ASP D 128 -15.05 6.02 -28.61
C ASP D 128 -16.34 6.32 -29.35
N GLY D 129 -16.28 6.26 -30.67
CA GLY D 129 -17.46 6.49 -31.47
C GLY D 129 -17.83 7.95 -31.61
N LYS D 130 -19.14 8.18 -31.65
CA LYS D 130 -19.70 9.48 -31.93
C LYS D 130 -20.81 9.76 -30.93
N THR D 131 -20.96 11.03 -30.57
CA THR D 131 -22.14 11.51 -29.84
C THR D 131 -23.36 11.56 -30.75
N GLN D 132 -24.54 11.70 -30.15
CA GLN D 132 -25.75 11.82 -30.94
C GLN D 132 -25.72 13.04 -31.86
N LYS D 133 -24.98 14.09 -31.50
CA LYS D 133 -24.80 15.26 -32.37
C LYS D 133 -23.82 15.01 -33.53
N GLY D 134 -23.17 13.84 -33.59
CA GLY D 134 -22.20 13.56 -34.64
C GLY D 134 -20.76 13.95 -34.33
N GLU D 135 -20.46 14.47 -33.14
CA GLU D 135 -19.08 14.78 -32.81
C GLU D 135 -18.36 13.50 -32.42
N ASN D 136 -17.06 13.50 -32.66
CA ASN D 136 -16.26 12.39 -32.17
C ASN D 136 -16.28 12.42 -30.65
N ARG D 137 -16.32 11.23 -30.06
CA ARG D 137 -16.19 11.11 -28.63
C ARG D 137 -14.84 10.50 -28.34
N TYR D 138 -14.24 10.99 -27.27
CA TYR D 138 -12.92 10.58 -26.84
C TYR D 138 -12.97 10.16 -25.37
N VAL D 139 -12.22 9.13 -25.05
CA VAL D 139 -12.04 8.74 -23.66
C VAL D 139 -10.59 9.01 -23.28
N PHE D 140 -10.46 9.83 -22.24
CA PHE D 140 -9.19 10.16 -21.62
C PHE D 140 -9.06 9.26 -20.37
N THR D 141 -8.10 8.35 -20.37
CA THR D 141 -7.87 7.46 -19.25
C THR D 141 -6.77 7.99 -18.32
N PHE D 142 -7.01 7.91 -17.03
CA PHE D 142 -6.06 8.36 -16.01
C PHE D 142 -5.91 7.28 -14.96
N VAL D 143 -4.72 7.23 -14.35
CA VAL D 143 -4.48 6.42 -13.16
C VAL D 143 -4.22 7.36 -12.00
N ALA D 144 -4.90 7.15 -10.88
CA ALA D 144 -4.69 7.97 -9.68
C ALA D 144 -3.45 7.49 -8.92
N VAL D 145 -2.53 8.41 -8.69
CA VAL D 145 -1.21 8.09 -8.17
C VAL D 145 -0.84 9.04 -7.03
N LYS D 146 -0.26 8.47 -5.99
CA LYS D 146 0.16 9.26 -4.84
C LYS D 146 1.42 10.04 -5.20
N SER D 147 1.52 11.23 -4.65
CA SER D 147 2.75 12.00 -4.74
C SER D 147 3.94 11.11 -4.41
N PRO D 148 5.04 11.21 -5.16
CA PRO D 148 6.26 10.50 -4.78
C PRO D 148 7.12 11.27 -3.81
N ASP D 149 7.94 10.53 -3.07
CA ASP D 149 9.20 11.07 -2.55
C ASP D 149 10.38 10.25 -3.09
#